data_5HXA
#
_entry.id   5HXA
#
_cell.length_a   171.180
_cell.length_b   171.180
_cell.length_c   95.150
_cell.angle_alpha   90.00
_cell.angle_beta   90.00
_cell.angle_gamma   120.00
#
_symmetry.space_group_name_H-M   'P 64 2 2'
#
loop_
_entity.id
_entity.type
_entity.pdbx_description
1 polymer 'Alpha,alpha-trehalose-phosphate synthase (UDP-forming)'
2 non-polymer 1,2-ETHANEDIOL
3 non-polymer GLYCEROL
4 non-polymer 'SODIUM ION'
5 water water
#
_entity_poly.entity_id   1
_entity_poly.type   'polypeptide(L)'
_entity_poly.pdbx_seq_one_letter_code
;MAHHHHHHMSRLIVVSNRVAPTQEGRPAAGGLAIGVLDALKETGGVWFGWSGETVSEPSAPVIEKQGNVTYATVGLTKRD
YDQYYRGFSNATLWPTFHYRNDLSRYDRQEYAGYQRVNATLAKQLKELLKPDDIIWVHDYHLLPFARCLRELGVKNPIGF
FLHIPFPVPEVLRTIPPHEELVKAMCSYDVIGFQTDADRQSFVDFIERGQHGTSSEDGMVHAYNRFLKVGAYPIGIYPDA
IAKAAEQFTDRKPVRSLRDGMRGRKLIMSVDRLDYSKGLVERFQAFERLLLNAPGWHGRVSLVQIAPPTRADVQTYQRIR
QTLEGEAGRINGRFAQLDWTPIQYLNRKYERNLLMALFRQSQVGYVTPLRDGMNLVAKEYVASQDPADPGVLVLSQFAGA
AEQLPGALVVNPFDLSQMAEALERALSMPLAERQARHADMMAPMRENNLSVWRDTFLADLRNVATASSVTAKAVKLADVT
ASS
;
_entity_poly.pdbx_strand_id   A
#
# COMPACT_ATOMS: atom_id res chain seq x y z
N MET A 9 -21.52 -19.82 -11.58
CA MET A 9 -20.96 -19.41 -10.30
C MET A 9 -21.25 -17.95 -9.99
N SER A 10 -21.12 -17.58 -8.72
CA SER A 10 -21.39 -16.22 -8.28
C SER A 10 -20.55 -15.22 -9.07
N ARG A 11 -21.19 -14.14 -9.52
CA ARG A 11 -20.43 -12.99 -9.97
C ARG A 11 -19.67 -12.40 -8.78
N LEU A 12 -18.40 -12.06 -9.02
CA LEU A 12 -17.66 -11.23 -8.09
C LEU A 12 -17.93 -9.76 -8.39
N ILE A 13 -18.36 -9.02 -7.36
CA ILE A 13 -18.56 -7.57 -7.46
C ILE A 13 -17.42 -6.92 -6.67
N VAL A 14 -16.52 -6.22 -7.36
CA VAL A 14 -15.44 -5.48 -6.70
C VAL A 14 -15.87 -4.03 -6.55
N VAL A 15 -15.67 -3.48 -5.35
CA VAL A 15 -16.00 -2.09 -5.05
C VAL A 15 -14.74 -1.40 -4.54
N SER A 16 -14.35 -0.32 -5.22
CA SER A 16 -13.19 0.47 -4.83
C SER A 16 -13.42 1.90 -5.31
N ASN A 17 -12.43 2.77 -5.11
CA ASN A 17 -12.70 4.20 -5.25
CA ASN A 17 -12.72 4.18 -5.28
C ASN A 17 -12.41 4.72 -6.65
N ARG A 18 -11.29 4.34 -7.26
CA ARG A 18 -11.04 4.77 -8.63
C ARG A 18 -11.14 3.55 -9.52
N VAL A 19 -12.03 3.60 -10.51
CA VAL A 19 -12.34 2.43 -11.32
C VAL A 19 -12.21 2.76 -12.80
N GLY A 30 -0.82 -2.81 -13.39
CA GLY A 30 -1.73 -2.10 -12.49
C GLY A 30 -1.48 -2.34 -11.02
N GLY A 31 -2.40 -1.88 -10.17
CA GLY A 31 -2.30 -2.05 -8.74
C GLY A 31 -3.39 -2.96 -8.19
N LEU A 32 -4.56 -2.40 -7.87
CA LEU A 32 -5.68 -3.26 -7.51
C LEU A 32 -6.11 -4.12 -8.67
N ALA A 33 -6.02 -3.57 -9.89
CA ALA A 33 -6.46 -4.27 -11.09
C ALA A 33 -5.80 -5.62 -11.24
N ILE A 34 -4.47 -5.66 -11.11
CA ILE A 34 -3.77 -6.94 -11.20
C ILE A 34 -4.20 -7.88 -10.08
N GLY A 35 -4.69 -7.33 -8.96
CA GLY A 35 -5.13 -8.16 -7.86
C GLY A 35 -6.49 -8.81 -8.07
N VAL A 36 -7.39 -8.15 -8.80
CA VAL A 36 -8.78 -8.60 -8.88
C VAL A 36 -9.23 -9.00 -10.27
N LEU A 37 -8.59 -8.50 -11.34
CA LEU A 37 -9.18 -8.59 -12.67
C LEU A 37 -9.35 -10.04 -13.13
N ASP A 38 -8.41 -10.92 -12.78
CA ASP A 38 -8.54 -12.33 -13.12
C ASP A 38 -9.82 -12.94 -12.53
N ALA A 39 -10.14 -12.59 -11.28
CA ALA A 39 -11.34 -13.14 -10.67
C ALA A 39 -12.60 -12.53 -11.28
N LEU A 40 -12.56 -11.24 -11.62
CA LEU A 40 -13.67 -10.63 -12.35
C LEU A 40 -13.89 -11.35 -13.67
N LYS A 41 -12.82 -11.64 -14.40
CA LYS A 41 -12.96 -12.31 -15.69
C LYS A 41 -13.49 -13.73 -15.51
N GLU A 42 -13.02 -14.45 -14.49
CA GLU A 42 -13.46 -15.83 -14.31
C GLU A 42 -14.95 -15.91 -13.98
N THR A 43 -15.47 -14.93 -13.23
CA THR A 43 -16.85 -14.96 -12.76
C THR A 43 -17.78 -14.07 -13.57
N GLY A 44 -17.26 -13.38 -14.60
CA GLY A 44 -18.09 -12.43 -15.32
C GLY A 44 -18.65 -11.38 -14.39
N GLY A 45 -17.78 -10.78 -13.58
CA GLY A 45 -18.19 -9.90 -12.51
C GLY A 45 -18.28 -8.44 -12.91
N VAL A 46 -18.37 -7.59 -11.88
CA VAL A 46 -18.60 -6.16 -12.02
C VAL A 46 -17.60 -5.43 -11.14
N TRP A 47 -16.97 -4.40 -11.68
CA TRP A 47 -16.11 -3.50 -10.90
C TRP A 47 -16.82 -2.15 -10.81
N PHE A 48 -17.18 -1.76 -9.57
CA PHE A 48 -18.02 -0.61 -9.33
C PHE A 48 -17.30 0.41 -8.46
N GLY A 49 -17.55 1.68 -8.71
CA GLY A 49 -17.05 2.72 -7.83
C GLY A 49 -17.06 4.08 -8.50
N TRP A 50 -16.38 5.02 -7.84
CA TRP A 50 -16.23 6.37 -8.36
C TRP A 50 -15.29 6.37 -9.57
N SER A 51 -15.64 7.18 -10.57
CA SER A 51 -14.86 7.27 -11.79
C SER A 51 -13.60 8.12 -11.65
N GLY A 52 -13.44 8.84 -10.54
CA GLY A 52 -12.35 9.78 -10.42
C GLY A 52 -12.64 11.16 -10.94
N GLU A 53 -13.81 11.38 -11.52
CA GLU A 53 -14.19 12.68 -12.07
C GLU A 53 -15.22 13.36 -11.19
N THR A 54 -15.16 14.69 -11.14
CA THR A 54 -16.17 15.50 -10.48
C THR A 54 -17.16 16.02 -11.50
N VAL A 55 -18.45 15.96 -11.16
CA VAL A 55 -19.52 16.32 -12.06
C VAL A 55 -20.43 17.31 -11.36
N SER A 56 -21.13 18.13 -12.15
CA SER A 56 -22.02 19.13 -11.57
C SER A 56 -23.22 18.49 -10.92
N GLU A 57 -23.89 17.58 -11.62
CA GLU A 57 -25.04 16.86 -11.14
C GLU A 57 -24.80 15.36 -11.23
N PRO A 58 -25.21 14.59 -10.23
CA PRO A 58 -24.99 13.14 -10.28
C PRO A 58 -25.82 12.49 -11.36
N SER A 59 -25.29 11.41 -11.92
CA SER A 59 -25.98 10.63 -12.93
C SER A 59 -26.00 9.16 -12.50
N ALA A 60 -26.83 8.39 -13.20
CA ALA A 60 -26.82 6.94 -13.00
C ALA A 60 -25.46 6.37 -13.40
N PRO A 61 -25.07 5.23 -12.85
CA PRO A 61 -23.76 4.66 -13.19
C PRO A 61 -23.64 4.35 -14.68
N VAL A 62 -22.49 4.72 -15.24
CA VAL A 62 -22.16 4.44 -16.63
C VAL A 62 -21.64 3.01 -16.75
N ILE A 63 -22.30 2.20 -17.58
CA ILE A 63 -21.96 0.80 -17.75
C ILE A 63 -21.06 0.65 -18.98
N GLU A 64 -19.91 0.01 -18.79
CA GLU A 64 -19.01 -0.27 -19.90
C GLU A 64 -18.52 -1.70 -19.76
N LYS A 65 -18.82 -2.54 -20.73
CA LYS A 65 -18.36 -3.92 -20.73
C LYS A 65 -17.02 -4.01 -21.45
N GLN A 66 -16.07 -4.69 -20.84
CA GLN A 66 -14.74 -4.89 -21.42
C GLN A 66 -14.43 -6.38 -21.32
N GLY A 67 -14.65 -7.09 -22.42
CA GLY A 67 -14.54 -8.54 -22.36
C GLY A 67 -15.64 -9.10 -21.49
N ASN A 68 -15.25 -9.93 -20.52
CA ASN A 68 -16.21 -10.56 -19.62
C ASN A 68 -16.50 -9.72 -18.39
N VAL A 69 -15.89 -8.55 -18.26
CA VAL A 69 -15.98 -7.73 -17.07
C VAL A 69 -16.86 -6.51 -17.35
N THR A 70 -17.74 -6.20 -16.41
CA THR A 70 -18.57 -5.01 -16.47
C THR A 70 -18.01 -3.96 -15.54
N TYR A 71 -17.78 -2.75 -16.06
CA TYR A 71 -17.39 -1.61 -15.25
C TYR A 71 -18.59 -0.70 -15.06
N ALA A 72 -18.85 -0.31 -13.82
CA ALA A 72 -19.97 0.55 -13.48
C ALA A 72 -19.44 1.68 -12.61
N THR A 73 -19.35 2.88 -13.16
CA THR A 73 -18.74 4.01 -12.45
C THR A 73 -19.67 5.21 -12.39
N VAL A 74 -19.47 6.04 -11.36
CA VAL A 74 -20.24 7.25 -11.16
C VAL A 74 -19.30 8.40 -10.81
N GLY A 75 -19.75 9.62 -11.12
CA GLY A 75 -19.05 10.80 -10.68
C GLY A 75 -19.54 11.29 -9.32
N LEU A 76 -18.80 12.23 -8.75
CA LEU A 76 -19.15 12.87 -7.49
C LEU A 76 -19.17 14.37 -7.69
N THR A 77 -20.06 15.05 -6.98
CA THR A 77 -20.02 16.50 -6.98
C THR A 77 -18.73 16.97 -6.30
N LYS A 78 -18.39 18.24 -6.51
CA LYS A 78 -17.22 18.81 -5.84
C LYS A 78 -17.36 18.71 -4.32
N ARG A 79 -18.56 18.99 -3.80
CA ARG A 79 -18.77 18.92 -2.35
C ARG A 79 -18.57 17.50 -1.83
N ASP A 80 -19.12 16.51 -2.54
CA ASP A 80 -18.93 15.13 -2.13
C ASP A 80 -17.46 14.75 -2.15
N TYR A 81 -16.75 15.14 -3.22
CA TYR A 81 -15.33 14.86 -3.32
C TYR A 81 -14.54 15.53 -2.21
N ASP A 82 -14.84 16.80 -1.91
CA ASP A 82 -14.11 17.51 -0.88
C ASP A 82 -14.33 16.89 0.50
N GLN A 83 -15.57 16.46 0.80
CA GLN A 83 -15.88 15.99 2.14
C GLN A 83 -15.49 14.52 2.33
N TYR A 84 -15.88 13.67 1.37
CA TYR A 84 -15.68 12.23 1.49
C TYR A 84 -14.24 11.82 1.21
N TYR A 85 -13.64 12.36 0.15
CA TYR A 85 -12.34 11.90 -0.32
C TYR A 85 -11.19 12.76 0.21
N ARG A 86 -11.15 14.04 -0.18
CA ARG A 86 -10.10 14.92 0.34
C ARG A 86 -10.22 15.08 1.84
N GLY A 87 -11.44 15.18 2.35
CA GLY A 87 -11.68 15.46 3.75
C GLY A 87 -11.51 14.24 4.65
N PHE A 88 -12.59 13.50 4.87
CA PHE A 88 -12.53 12.49 5.93
C PHE A 88 -11.59 11.36 5.58
N SER A 89 -11.61 10.88 4.34
CA SER A 89 -10.72 9.77 3.97
C SER A 89 -9.25 10.17 4.08
N ASN A 90 -8.86 11.26 3.41
CA ASN A 90 -7.45 11.56 3.28
C ASN A 90 -6.91 12.55 4.30
N ALA A 91 -7.75 13.37 4.92
CA ALA A 91 -7.26 14.29 5.94
C ALA A 91 -7.53 13.80 7.37
N THR A 92 -8.34 12.76 7.55
CA THR A 92 -8.58 12.20 8.88
C THR A 92 -8.09 10.76 8.97
N LEU A 93 -8.64 9.85 8.16
CA LEU A 93 -8.30 8.44 8.31
C LEU A 93 -6.85 8.17 7.92
N TRP A 94 -6.43 8.66 6.75
CA TRP A 94 -5.08 8.34 6.28
C TRP A 94 -4.00 8.73 7.27
N PRO A 95 -3.91 9.98 7.76
CA PRO A 95 -2.83 10.28 8.71
C PRO A 95 -2.92 9.50 10.02
N THR A 96 -4.13 9.35 10.57
CA THR A 96 -4.26 8.61 11.83
C THR A 96 -3.91 7.13 11.68
N PHE A 97 -4.39 6.49 10.61
CA PHE A 97 -4.06 5.08 10.43
C PHE A 97 -2.57 4.86 10.18
N HIS A 98 -1.84 5.89 9.73
CA HIS A 98 -0.38 5.85 9.62
C HIS A 98 0.30 6.43 10.86
N TYR A 99 -0.38 6.44 12.00
CA TYR A 99 0.21 6.83 13.29
C TYR A 99 0.71 8.26 13.29
N ARG A 100 0.01 9.15 12.57
CA ARG A 100 0.31 10.57 12.62
C ARG A 100 -0.98 11.35 12.88
N ASN A 101 -1.65 11.06 14.00
CA ASN A 101 -2.87 11.81 14.29
C ASN A 101 -2.58 13.28 14.57
N ASP A 102 -1.32 13.65 14.85
CA ASP A 102 -0.97 15.08 14.94
C ASP A 102 -1.20 15.81 13.61
N LEU A 103 -1.19 15.09 12.50
CA LEU A 103 -1.48 15.68 11.19
C LEU A 103 -2.95 15.55 10.80
N SER A 104 -3.74 14.82 11.57
CA SER A 104 -5.15 14.61 11.28
C SER A 104 -5.97 15.83 11.65
N ARG A 105 -7.06 16.05 10.92
CA ARG A 105 -8.02 17.08 11.26
C ARG A 105 -9.40 16.47 11.11
N TYR A 106 -10.29 16.74 12.06
CA TYR A 106 -11.63 16.18 12.02
C TYR A 106 -12.64 17.29 11.82
N ASP A 107 -13.58 17.05 10.92
CA ASP A 107 -14.66 18.01 10.67
C ASP A 107 -15.97 17.24 10.51
N ARG A 108 -16.97 17.64 11.28
CA ARG A 108 -18.24 16.92 11.28
C ARG A 108 -18.88 16.91 9.89
N GLN A 109 -18.78 18.03 9.17
CA GLN A 109 -19.43 18.10 7.85
C GLN A 109 -18.74 17.17 6.86
N GLU A 110 -17.41 17.08 6.93
CA GLU A 110 -16.69 16.14 6.10
C GLU A 110 -17.07 14.70 6.42
N TYR A 111 -17.17 14.36 7.71
CA TYR A 111 -17.59 13.01 8.08
C TYR A 111 -19.01 12.73 7.62
N ALA A 112 -19.90 13.74 7.70
CA ALA A 112 -21.26 13.55 7.19
C ALA A 112 -21.25 13.26 5.68
N GLY A 113 -20.41 13.96 4.94
CA GLY A 113 -20.32 13.68 3.51
C GLY A 113 -19.71 12.32 3.21
N TYR A 114 -18.71 11.92 4.00
CA TYR A 114 -18.16 10.57 3.91
C TYR A 114 -19.25 9.51 4.06
N GLN A 115 -20.12 9.67 5.08
CA GLN A 115 -21.24 8.76 5.24
C GLN A 115 -22.23 8.88 4.08
N ARG A 116 -22.50 10.11 3.64
CA ARG A 116 -23.47 10.32 2.56
C ARG A 116 -22.99 9.68 1.27
N VAL A 117 -21.70 9.81 0.94
CA VAL A 117 -21.20 9.21 -0.29
C VAL A 117 -21.25 7.69 -0.20
N ASN A 118 -20.86 7.13 0.93
CA ASN A 118 -20.95 5.68 1.11
C ASN A 118 -22.39 5.20 0.92
N ALA A 119 -23.37 5.92 1.46
CA ALA A 119 -24.77 5.54 1.30
C ALA A 119 -25.24 5.68 -0.14
N THR A 120 -24.82 6.75 -0.81
CA THR A 120 -25.24 6.97 -2.20
C THR A 120 -24.69 5.87 -3.10
N LEU A 121 -23.40 5.56 -2.96
CA LEU A 121 -22.81 4.50 -3.76
C LEU A 121 -23.48 3.16 -3.49
N ALA A 122 -23.75 2.86 -2.22
CA ALA A 122 -24.40 1.60 -1.88
C ALA A 122 -25.80 1.52 -2.52
N LYS A 123 -26.54 2.63 -2.51
CA LYS A 123 -27.86 2.63 -3.13
C LYS A 123 -27.76 2.36 -4.62
N GLN A 124 -26.75 2.92 -5.28
CA GLN A 124 -26.61 2.71 -6.72
C GLN A 124 -26.07 1.32 -7.04
N LEU A 125 -25.16 0.81 -6.23
CA LEU A 125 -24.68 -0.56 -6.42
C LEU A 125 -25.82 -1.56 -6.28
N LYS A 126 -26.71 -1.34 -5.30
CA LYS A 126 -27.79 -2.29 -5.06
C LYS A 126 -28.64 -2.56 -6.30
N GLU A 127 -28.83 -1.54 -7.14
CA GLU A 127 -29.60 -1.73 -8.36
C GLU A 127 -28.95 -2.75 -9.31
N LEU A 128 -27.64 -2.93 -9.22
CA LEU A 128 -26.90 -3.79 -10.12
C LEU A 128 -26.68 -5.19 -9.57
N LEU A 129 -27.10 -5.44 -8.33
CA LEU A 129 -26.79 -6.70 -7.67
C LEU A 129 -27.78 -7.79 -8.06
N LYS A 130 -27.28 -9.00 -8.15
CA LYS A 130 -28.08 -10.20 -8.26
C LYS A 130 -27.94 -11.00 -6.96
N PRO A 131 -28.93 -11.83 -6.63
CA PRO A 131 -28.93 -12.47 -5.31
C PRO A 131 -27.72 -13.36 -5.05
N ASP A 132 -27.06 -13.86 -6.11
CA ASP A 132 -25.94 -14.77 -5.95
C ASP A 132 -24.59 -14.07 -5.85
N ASP A 133 -24.53 -12.75 -6.09
CA ASP A 133 -23.25 -12.07 -6.10
C ASP A 133 -22.55 -12.17 -4.75
N ILE A 134 -21.21 -12.17 -4.80
CA ILE A 134 -20.40 -11.88 -3.62
C ILE A 134 -19.70 -10.55 -3.88
N ILE A 135 -19.54 -9.75 -2.82
CA ILE A 135 -19.08 -8.37 -2.92
C ILE A 135 -17.78 -8.23 -2.15
N TRP A 136 -16.76 -7.66 -2.80
CA TRP A 136 -15.44 -7.44 -2.20
C TRP A 136 -15.10 -5.96 -2.26
N VAL A 137 -15.08 -5.31 -1.10
CA VAL A 137 -14.89 -3.86 -0.98
C VAL A 137 -13.47 -3.58 -0.52
N HIS A 138 -12.86 -2.51 -1.04
CA HIS A 138 -11.44 -2.23 -0.81
C HIS A 138 -11.21 -0.87 -0.18
N ASP A 139 -10.57 -0.87 0.99
CA ASP A 139 -9.80 0.22 1.58
C ASP A 139 -10.63 1.29 2.32
N TYR A 140 -9.90 2.21 2.95
CA TYR A 140 -10.40 3.03 4.07
C TYR A 140 -11.47 4.03 3.65
N HIS A 141 -11.60 4.34 2.36
CA HIS A 141 -12.68 5.22 1.93
C HIS A 141 -14.06 4.61 2.18
N LEU A 142 -14.14 3.28 2.34
CA LEU A 142 -15.39 2.54 2.28
C LEU A 142 -15.65 1.72 3.55
N LEU A 143 -15.10 2.16 4.69
CA LEU A 143 -15.38 1.47 5.94
C LEU A 143 -16.85 1.21 6.23
N PRO A 144 -17.78 2.15 6.02
CA PRO A 144 -19.19 1.88 6.37
C PRO A 144 -20.03 1.32 5.23
N PHE A 145 -19.41 0.92 4.12
CA PHE A 145 -20.17 0.55 2.92
C PHE A 145 -21.03 -0.69 3.14
N ALA A 146 -20.51 -1.69 3.87
CA ALA A 146 -21.32 -2.88 4.12
C ALA A 146 -22.54 -2.55 4.99
N ARG A 147 -22.37 -1.67 5.97
CA ARG A 147 -23.53 -1.31 6.79
C ARG A 147 -24.58 -0.57 5.96
N CYS A 148 -24.14 0.32 5.06
CA CYS A 148 -25.09 0.93 4.14
C CYS A 148 -25.82 -0.13 3.31
N LEU A 149 -25.12 -1.17 2.88
CA LEU A 149 -25.79 -2.20 2.09
C LEU A 149 -26.79 -2.97 2.95
N ARG A 150 -26.41 -3.36 4.17
CA ARG A 150 -27.32 -4.09 5.05
C ARG A 150 -28.59 -3.28 5.32
N GLU A 151 -28.43 -1.96 5.46
CA GLU A 151 -29.57 -1.09 5.69
C GLU A 151 -30.52 -1.08 4.50
N LEU A 152 -30.02 -1.40 3.30
CA LEU A 152 -30.85 -1.55 2.12
C LEU A 152 -31.39 -2.96 1.96
N GLY A 153 -31.17 -3.82 2.95
CA GLY A 153 -31.64 -5.19 2.88
C GLY A 153 -30.76 -6.14 2.09
N VAL A 154 -29.52 -5.75 1.82
CA VAL A 154 -28.63 -6.59 1.02
C VAL A 154 -28.10 -7.72 1.90
N LYS A 155 -28.38 -8.96 1.50
CA LYS A 155 -27.99 -10.12 2.28
C LYS A 155 -26.77 -10.85 1.72
N ASN A 156 -26.25 -10.42 0.56
CA ASN A 156 -25.11 -11.09 -0.08
C ASN A 156 -23.90 -11.13 0.85
N PRO A 157 -23.01 -12.10 0.65
CA PRO A 157 -21.70 -12.05 1.31
C PRO A 157 -20.94 -10.79 0.91
N ILE A 158 -20.39 -10.09 1.90
CA ILE A 158 -19.61 -8.88 1.68
C ILE A 158 -18.30 -9.01 2.43
N GLY A 159 -17.19 -8.86 1.71
CA GLY A 159 -15.86 -8.86 2.31
C GLY A 159 -15.21 -7.50 2.17
N PHE A 160 -14.33 -7.18 3.10
CA PHE A 160 -13.57 -5.93 3.10
C PHE A 160 -12.09 -6.25 3.20
N PHE A 161 -11.26 -5.51 2.47
CA PHE A 161 -9.81 -5.58 2.65
C PHE A 161 -9.26 -4.18 2.86
N LEU A 162 -8.50 -4.00 3.94
CA LEU A 162 -7.88 -2.72 4.27
C LEU A 162 -6.42 -2.76 3.81
N HIS A 163 -6.04 -1.85 2.94
CA HIS A 163 -4.69 -1.90 2.37
C HIS A 163 -3.65 -1.19 3.22
N ILE A 164 -4.07 -0.35 4.17
CA ILE A 164 -3.17 0.45 4.99
C ILE A 164 -3.22 -0.11 6.43
N PRO A 165 -2.37 0.33 7.36
CA PRO A 165 -2.44 -0.21 8.72
C PRO A 165 -3.77 0.08 9.39
N PHE A 166 -4.12 -0.76 10.38
CA PHE A 166 -5.24 -0.46 11.26
C PHE A 166 -4.68 -0.10 12.63
N PRO A 167 -4.80 1.15 13.08
CA PRO A 167 -4.05 1.58 14.26
C PRO A 167 -4.62 1.00 15.54
N VAL A 168 -3.74 0.80 16.52
CA VAL A 168 -4.12 0.19 17.81
C VAL A 168 -5.13 1.10 18.50
N PRO A 169 -5.89 0.59 19.48
CA PRO A 169 -6.97 1.39 20.08
C PRO A 169 -6.57 2.76 20.62
N GLU A 170 -5.42 2.88 21.31
CA GLU A 170 -5.02 4.19 21.84
C GLU A 170 -4.94 5.24 20.74
N VAL A 171 -4.63 4.84 19.51
CA VAL A 171 -4.49 5.76 18.39
C VAL A 171 -5.81 5.90 17.64
N LEU A 172 -6.48 4.77 17.38
CA LEU A 172 -7.79 4.78 16.73
C LEU A 172 -8.77 5.69 17.46
N ARG A 173 -8.76 5.68 18.79
CA ARG A 173 -9.76 6.41 19.56
CA ARG A 173 -9.79 6.42 19.52
C ARG A 173 -9.62 7.93 19.42
N THR A 174 -8.52 8.42 18.83
CA THR A 174 -8.41 9.85 18.59
C THR A 174 -9.31 10.31 17.45
N ILE A 175 -9.75 9.40 16.59
CA ILE A 175 -10.73 9.72 15.55
C ILE A 175 -12.11 9.81 16.22
N PRO A 176 -12.77 10.97 16.21
CA PRO A 176 -13.94 11.15 17.10
C PRO A 176 -15.05 10.14 16.83
N PRO A 177 -15.44 9.85 15.57
CA PRO A 177 -16.48 8.81 15.38
C PRO A 177 -15.96 7.37 15.28
N HIS A 178 -14.83 7.06 15.91
CA HIS A 178 -14.23 5.73 15.72
C HIS A 178 -15.18 4.61 16.13
N GLU A 179 -15.99 4.82 17.18
CA GLU A 179 -16.86 3.72 17.61
C GLU A 179 -17.90 3.37 16.55
N GLU A 180 -18.49 4.39 15.91
CA GLU A 180 -19.47 4.14 14.86
C GLU A 180 -18.82 3.43 13.67
N LEU A 181 -17.57 3.76 13.37
CA LEU A 181 -16.87 3.15 12.25
C LEU A 181 -16.60 1.67 12.49
N VAL A 182 -16.11 1.31 13.68
CA VAL A 182 -15.86 -0.11 13.96
C VAL A 182 -17.15 -0.90 13.94
N LYS A 183 -18.21 -0.36 14.55
CA LYS A 183 -19.51 -1.02 14.49
C LYS A 183 -19.92 -1.27 13.04
N ALA A 184 -19.82 -0.24 12.19
CA ALA A 184 -20.20 -0.41 10.79
C ALA A 184 -19.34 -1.46 10.10
N MET A 185 -18.04 -1.51 10.43
CA MET A 185 -17.18 -2.51 9.80
C MET A 185 -17.65 -3.94 10.07
N CYS A 186 -18.32 -4.19 11.20
CA CYS A 186 -18.76 -5.54 11.48
C CYS A 186 -20.02 -5.95 10.72
N SER A 187 -20.54 -5.08 9.85
CA SER A 187 -21.54 -5.51 8.87
C SER A 187 -20.93 -6.34 7.76
N TYR A 188 -19.61 -6.26 7.57
CA TYR A 188 -18.91 -7.16 6.66
C TYR A 188 -18.90 -8.59 7.20
N ASP A 189 -19.04 -9.56 6.30
CA ASP A 189 -18.91 -10.97 6.67
C ASP A 189 -17.45 -11.39 6.83
N VAL A 190 -16.54 -10.80 6.06
CA VAL A 190 -15.12 -11.11 6.11
C VAL A 190 -14.36 -9.78 6.12
N ILE A 191 -13.41 -9.64 7.04
CA ILE A 191 -12.53 -8.47 7.06
C ILE A 191 -11.10 -8.96 6.96
N GLY A 192 -10.37 -8.47 5.99
CA GLY A 192 -8.96 -8.80 5.81
C GLY A 192 -8.08 -7.58 6.06
N PHE A 193 -6.93 -7.83 6.69
CA PHE A 193 -5.91 -6.82 6.94
C PHE A 193 -4.59 -7.32 6.36
N GLN A 194 -3.61 -6.42 6.28
CA GLN A 194 -2.34 -6.77 5.67
C GLN A 194 -1.52 -7.70 6.56
N THR A 195 -1.53 -7.47 7.87
CA THR A 195 -0.65 -8.20 8.78
C THR A 195 -1.42 -8.65 10.02
N ASP A 196 -0.81 -9.57 10.79
CA ASP A 196 -1.42 -10.05 12.04
CA ASP A 196 -1.47 -10.03 12.01
C ASP A 196 -1.56 -8.92 13.03
N ALA A 197 -0.61 -7.99 13.07
CA ALA A 197 -0.70 -6.87 14.00
C ALA A 197 -1.93 -6.00 13.72
N ASP A 198 -2.25 -5.80 12.44
CA ASP A 198 -3.47 -5.07 12.08
C ASP A 198 -4.71 -5.82 12.53
N ARG A 199 -4.73 -7.14 12.31
CA ARG A 199 -5.87 -7.94 12.76
CA ARG A 199 -5.87 -7.94 12.76
C ARG A 199 -6.03 -7.87 14.27
N GLN A 200 -4.91 -8.02 14.99
CA GLN A 200 -4.99 -7.99 16.44
CA GLN A 200 -4.95 -7.97 16.45
C GLN A 200 -5.42 -6.61 16.95
N SER A 201 -4.98 -5.53 16.28
CA SER A 201 -5.41 -4.19 16.63
CA SER A 201 -5.41 -4.19 16.65
C SER A 201 -6.92 -4.06 16.57
N PHE A 202 -7.53 -4.57 15.50
CA PHE A 202 -8.98 -4.50 15.32
C PHE A 202 -9.69 -5.32 16.40
N VAL A 203 -9.23 -6.55 16.60
CA VAL A 203 -9.87 -7.41 17.59
C VAL A 203 -9.66 -6.86 19.00
N ASP A 204 -8.49 -6.27 19.27
CA ASP A 204 -8.26 -5.64 20.57
C ASP A 204 -9.29 -4.55 20.85
N PHE A 205 -9.61 -3.73 19.85
CA PHE A 205 -10.58 -2.67 20.09
C PHE A 205 -11.91 -3.28 20.51
N ILE A 206 -12.33 -4.31 19.77
CA ILE A 206 -13.64 -4.92 20.00
C ILE A 206 -13.69 -5.57 21.36
N GLU A 207 -12.67 -6.34 21.71
CA GLU A 207 -12.69 -7.05 22.99
C GLU A 207 -12.53 -6.11 24.16
N ARG A 208 -11.59 -5.17 24.07
CA ARG A 208 -11.31 -4.31 25.22
C ARG A 208 -12.39 -3.27 25.42
N GLY A 209 -13.12 -2.91 24.37
CA GLY A 209 -14.28 -2.07 24.53
C GLY A 209 -15.55 -2.82 24.87
N GLN A 210 -15.45 -4.14 25.11
CA GLN A 210 -16.60 -5.00 25.43
CA GLN A 210 -16.60 -5.00 25.43
C GLN A 210 -17.67 -4.95 24.34
N HIS A 211 -17.24 -4.83 23.09
CA HIS A 211 -18.16 -4.84 21.96
C HIS A 211 -18.38 -6.23 21.40
N GLY A 212 -17.51 -7.17 21.71
CA GLY A 212 -17.64 -8.50 21.14
C GLY A 212 -16.52 -9.38 21.65
N THR A 213 -16.48 -10.60 21.12
CA THR A 213 -15.54 -11.60 21.59
C THR A 213 -14.93 -12.31 20.38
N SER A 214 -13.77 -12.92 20.61
CA SER A 214 -13.15 -13.79 19.62
C SER A 214 -13.72 -15.19 19.73
N SER A 215 -13.85 -15.86 18.59
CA SER A 215 -14.37 -17.23 18.56
C SER A 215 -13.30 -18.11 17.91
N GLU A 216 -13.68 -19.25 17.36
CA GLU A 216 -12.71 -20.15 16.76
CA GLU A 216 -12.75 -20.19 16.75
C GLU A 216 -12.47 -19.81 15.29
N ASP A 217 -11.33 -20.27 14.77
CA ASP A 217 -11.01 -20.20 13.34
C ASP A 217 -11.11 -18.76 12.80
N GLY A 218 -10.64 -17.78 13.59
CA GLY A 218 -10.67 -16.39 13.17
C GLY A 218 -12.02 -15.70 13.25
N MET A 219 -13.03 -16.35 13.79
CA MET A 219 -14.36 -15.77 13.86
C MET A 219 -14.45 -14.80 15.03
N VAL A 220 -15.30 -13.77 14.85
CA VAL A 220 -15.55 -12.74 15.85
C VAL A 220 -17.05 -12.55 15.97
N HIS A 221 -17.54 -12.40 17.21
CA HIS A 221 -18.95 -12.12 17.48
C HIS A 221 -19.02 -10.71 18.05
N ALA A 222 -19.54 -9.77 17.26
CA ALA A 222 -19.58 -8.39 17.73
C ALA A 222 -20.78 -7.68 17.11
N TYR A 223 -21.42 -6.81 17.89
CA TYR A 223 -22.56 -6.02 17.44
C TYR A 223 -23.65 -6.90 16.82
N ASN A 224 -23.92 -8.03 17.48
CA ASN A 224 -24.99 -8.95 17.11
C ASN A 224 -24.74 -9.63 15.77
N ARG A 225 -23.49 -9.74 15.35
CA ARG A 225 -23.15 -10.40 14.09
C ARG A 225 -21.88 -11.24 14.28
N PHE A 226 -21.77 -12.30 13.50
CA PHE A 226 -20.52 -13.05 13.37
C PHE A 226 -19.83 -12.65 12.07
N LEU A 227 -18.51 -12.65 12.10
CA LEU A 227 -17.70 -12.33 10.92
C LEU A 227 -16.35 -13.00 11.06
N LYS A 228 -15.68 -13.23 9.94
CA LYS A 228 -14.32 -13.75 9.93
C LYS A 228 -13.35 -12.59 9.76
N VAL A 229 -12.30 -12.56 10.58
CA VAL A 229 -11.30 -11.50 10.53
C VAL A 229 -9.95 -12.15 10.36
N GLY A 230 -9.19 -11.73 9.32
CA GLY A 230 -7.93 -12.38 9.06
C GLY A 230 -6.89 -11.42 8.49
N ALA A 231 -5.65 -11.91 8.46
CA ALA A 231 -4.55 -11.25 7.78
C ALA A 231 -4.33 -11.92 6.42
N TYR A 232 -4.32 -11.13 5.36
CA TYR A 232 -4.04 -11.64 4.02
C TYR A 232 -3.03 -10.70 3.38
N PRO A 233 -1.74 -10.91 3.63
CA PRO A 233 -0.73 -9.96 3.12
C PRO A 233 -0.68 -9.99 1.60
N ILE A 234 -0.78 -8.81 0.99
CA ILE A 234 -0.84 -8.75 -0.47
C ILE A 234 0.53 -9.09 -1.04
N GLY A 235 0.55 -9.88 -2.12
CA GLY A 235 1.77 -10.31 -2.75
C GLY A 235 1.96 -9.71 -4.12
N ILE A 236 2.94 -10.27 -4.83
CA ILE A 236 3.26 -9.89 -6.20
C ILE A 236 3.33 -11.16 -7.04
N TYR A 237 3.65 -11.01 -8.32
CA TYR A 237 4.03 -12.11 -9.19
C TYR A 237 5.53 -12.02 -9.42
N PRO A 238 6.36 -12.66 -8.58
CA PRO A 238 7.81 -12.35 -8.60
C PRO A 238 8.49 -12.75 -9.90
N ASP A 239 8.09 -13.87 -10.51
CA ASP A 239 8.75 -14.27 -11.75
C ASP A 239 8.30 -13.43 -12.95
N ALA A 240 7.07 -12.92 -12.92
CA ALA A 240 6.67 -11.96 -13.95
C ALA A 240 7.45 -10.65 -13.81
N ILE A 241 7.70 -10.20 -12.58
CA ILE A 241 8.51 -9.01 -12.35
CA ILE A 241 8.49 -9.00 -12.39
C ILE A 241 9.92 -9.23 -12.87
N ALA A 242 10.51 -10.36 -12.51
CA ALA A 242 11.86 -10.68 -12.97
C ALA A 242 11.94 -10.64 -14.48
N LYS A 243 10.95 -11.21 -15.17
CA LYS A 243 10.97 -11.23 -16.63
C LYS A 243 10.82 -9.82 -17.20
N ALA A 244 9.92 -9.02 -16.64
CA ALA A 244 9.73 -7.65 -17.12
C ALA A 244 10.98 -6.81 -16.91
N ALA A 245 11.62 -6.94 -15.74
CA ALA A 245 12.83 -6.17 -15.47
C ALA A 245 13.91 -6.51 -16.48
N GLU A 246 14.02 -7.79 -16.84
CA GLU A 246 15.02 -8.16 -17.83
C GLU A 246 14.64 -7.65 -19.21
N GLN A 247 13.36 -7.74 -19.59
CA GLN A 247 12.93 -7.35 -20.93
CA GLN A 247 13.03 -7.36 -20.95
C GLN A 247 13.05 -5.85 -21.16
N PHE A 248 12.98 -5.05 -20.09
CA PHE A 248 13.05 -3.60 -20.21
C PHE A 248 14.42 -3.04 -19.89
N THR A 249 15.43 -3.91 -19.73
CA THR A 249 16.78 -3.44 -19.46
C THR A 249 17.37 -2.65 -20.63
N ASP A 250 17.00 -2.99 -21.86
CA ASP A 250 17.54 -2.30 -23.04
C ASP A 250 16.64 -1.17 -23.50
N ARG A 251 16.24 -0.32 -22.56
CA ARG A 251 15.50 0.90 -22.85
C ARG A 251 16.38 2.12 -22.54
N LYS A 252 16.11 3.22 -23.24
CA LYS A 252 16.99 4.38 -23.14
C LYS A 252 17.16 4.92 -21.73
N PRO A 253 16.11 5.09 -20.91
CA PRO A 253 16.35 5.58 -19.54
C PRO A 253 17.23 4.65 -18.72
N VAL A 254 17.18 3.34 -18.96
CA VAL A 254 18.03 2.41 -18.23
C VAL A 254 19.48 2.57 -18.67
N ARG A 255 19.71 2.65 -19.98
CA ARG A 255 21.06 2.88 -20.49
C ARG A 255 21.61 4.22 -20.02
N SER A 256 20.75 5.24 -19.95
CA SER A 256 21.17 6.54 -19.41
C SER A 256 21.61 6.39 -17.96
N LEU A 257 20.80 5.75 -17.13
CA LEU A 257 21.17 5.51 -15.73
C LEU A 257 22.50 4.80 -15.63
N ARG A 258 22.65 3.69 -16.36
CA ARG A 258 23.87 2.89 -16.31
C ARG A 258 25.09 3.72 -16.69
N ASP A 259 25.01 4.47 -17.80
CA ASP A 259 26.16 5.24 -18.25
C ASP A 259 26.50 6.35 -17.27
N GLY A 260 25.49 6.99 -16.67
CA GLY A 260 25.77 8.04 -15.72
C GLY A 260 26.34 7.54 -14.40
N MET A 261 26.09 6.28 -14.07
CA MET A 261 26.50 5.69 -12.79
C MET A 261 27.81 4.93 -12.88
N ARG A 262 28.50 4.96 -14.02
CA ARG A 262 29.63 4.06 -14.24
C ARG A 262 30.70 4.27 -13.18
N GLY A 263 31.16 3.18 -12.58
CA GLY A 263 32.14 3.29 -11.52
C GLY A 263 31.58 3.59 -10.16
N ARG A 264 30.27 3.63 -10.01
CA ARG A 264 29.64 3.92 -8.73
CA ARG A 264 29.64 3.92 -8.73
C ARG A 264 28.56 2.89 -8.45
N LYS A 265 28.35 2.62 -7.16
CA LYS A 265 27.21 1.81 -6.75
C LYS A 265 25.98 2.69 -6.63
N LEU A 266 24.81 2.11 -6.87
CA LEU A 266 23.55 2.82 -6.92
C LEU A 266 22.62 2.35 -5.80
N ILE A 267 22.18 3.28 -4.95
CA ILE A 267 21.12 3.04 -3.97
C ILE A 267 19.84 3.62 -4.53
N MET A 268 18.80 2.80 -4.66
CA MET A 268 17.57 3.23 -5.30
C MET A 268 16.46 3.28 -4.26
N SER A 269 15.73 4.39 -4.26
CA SER A 269 14.64 4.63 -3.33
C SER A 269 13.48 5.22 -4.11
N VAL A 270 12.31 4.57 -4.04
CA VAL A 270 11.15 5.00 -4.82
C VAL A 270 9.95 5.02 -3.88
N ASP A 271 9.31 6.19 -3.75
CA ASP A 271 8.21 6.35 -2.79
CA ASP A 271 8.08 6.20 -2.98
C ASP A 271 7.32 7.48 -3.26
N ARG A 272 6.02 7.37 -3.04
CA ARG A 272 5.18 8.55 -3.11
C ARG A 272 5.64 9.53 -2.04
N LEU A 273 5.39 10.82 -2.27
CA LEU A 273 5.94 11.85 -1.39
C LEU A 273 4.96 12.07 -0.25
N ASP A 274 5.06 11.21 0.77
CA ASP A 274 4.14 11.15 1.89
C ASP A 274 4.94 11.18 3.20
N TYR A 275 4.38 11.81 4.24
CA TYR A 275 5.08 11.83 5.52
C TYR A 275 5.32 10.43 6.07
N SER A 276 4.46 9.46 5.74
CA SER A 276 4.65 8.10 6.24
C SER A 276 5.88 7.43 5.65
N LYS A 277 6.44 7.99 4.56
CA LYS A 277 7.55 7.30 3.89
C LYS A 277 8.91 7.60 4.52
N GLY A 278 9.01 8.62 5.37
CA GLY A 278 10.30 8.92 6.00
C GLY A 278 11.42 9.24 5.04
N LEU A 279 11.14 10.05 4.02
CA LEU A 279 12.17 10.33 3.04
C LEU A 279 13.27 11.23 3.61
N VAL A 280 12.92 12.15 4.51
CA VAL A 280 13.94 12.95 5.17
C VAL A 280 14.92 12.06 5.94
N GLU A 281 14.38 11.07 6.68
CA GLU A 281 15.24 10.16 7.40
C GLU A 281 16.09 9.33 6.44
N ARG A 282 15.52 8.92 5.31
CA ARG A 282 16.30 8.20 4.31
C ARG A 282 17.50 9.03 3.86
N PHE A 283 17.28 10.31 3.55
CA PHE A 283 18.38 11.19 3.13
C PHE A 283 19.40 11.34 4.24
N GLN A 284 18.93 11.53 5.48
CA GLN A 284 19.85 11.79 6.60
C GLN A 284 20.70 10.57 6.92
N ALA A 285 20.16 9.36 6.79
CA ALA A 285 20.99 8.18 7.04
C ALA A 285 22.00 7.97 5.92
N PHE A 286 21.64 8.35 4.68
CA PHE A 286 22.63 8.37 3.61
C PHE A 286 23.74 9.37 3.91
N GLU A 287 23.37 10.57 4.37
CA GLU A 287 24.38 11.52 4.85
C GLU A 287 25.26 10.91 5.94
N ARG A 288 24.65 10.20 6.89
CA ARG A 288 25.44 9.58 7.95
C ARG A 288 26.39 8.53 7.39
N LEU A 289 25.96 7.78 6.37
CA LEU A 289 26.87 6.86 5.70
C LEU A 289 28.08 7.59 5.16
N LEU A 290 27.86 8.72 4.48
CA LEU A 290 28.98 9.48 3.91
C LEU A 290 29.90 10.02 4.98
N LEU A 291 29.37 10.34 6.16
CA LEU A 291 30.22 10.76 7.27
C LEU A 291 30.97 9.59 7.89
N ASN A 292 30.30 8.44 8.06
CA ASN A 292 30.93 7.26 8.65
C ASN A 292 32.03 6.70 7.77
N ALA A 293 31.84 6.74 6.45
CA ALA A 293 32.69 6.02 5.50
C ALA A 293 33.09 6.97 4.37
N PRO A 294 34.01 7.89 4.62
CA PRO A 294 34.39 8.85 3.58
C PRO A 294 34.99 8.21 2.33
N GLY A 295 35.43 6.95 2.41
CA GLY A 295 35.88 6.26 1.21
C GLY A 295 34.77 6.05 0.17
N TRP A 296 33.51 6.17 0.57
CA TRP A 296 32.41 6.02 -0.38
C TRP A 296 32.12 7.31 -1.15
N HIS A 297 32.72 8.44 -0.78
CA HIS A 297 32.46 9.69 -1.50
C HIS A 297 32.84 9.50 -2.97
N GLY A 298 31.92 9.86 -3.87
CA GLY A 298 32.18 9.71 -5.29
C GLY A 298 32.08 8.29 -5.80
N ARG A 299 31.73 7.32 -4.95
CA ARG A 299 31.65 5.92 -5.32
C ARG A 299 30.26 5.34 -5.13
N VAL A 300 29.32 6.15 -4.67
CA VAL A 300 27.94 5.73 -4.48
C VAL A 300 27.07 6.94 -4.72
N SER A 301 25.86 6.70 -5.24
CA SER A 301 24.85 7.74 -5.32
C SER A 301 23.52 7.21 -4.83
N LEU A 302 22.71 8.11 -4.32
CA LEU A 302 21.33 7.81 -3.94
C LEU A 302 20.41 8.42 -4.99
N VAL A 303 19.63 7.57 -5.67
CA VAL A 303 18.55 8.07 -6.53
C VAL A 303 17.25 7.96 -5.75
N GLN A 304 16.55 9.07 -5.60
CA GLN A 304 15.21 9.10 -5.00
C GLN A 304 14.23 9.50 -6.08
N ILE A 305 13.36 8.58 -6.45
CA ILE A 305 12.22 8.87 -7.31
C ILE A 305 11.01 9.08 -6.43
N ALA A 306 10.37 10.24 -6.56
CA ALA A 306 9.23 10.58 -5.71
C ALA A 306 8.16 11.19 -6.59
N PRO A 307 7.26 10.36 -7.13
CA PRO A 307 6.28 10.84 -8.09
C PRO A 307 5.40 11.93 -7.50
N PRO A 308 4.85 12.81 -8.34
CA PRO A 308 3.92 13.84 -7.84
C PRO A 308 2.71 13.19 -7.17
N THR A 309 2.53 13.51 -5.88
CA THR A 309 1.45 12.93 -5.10
C THR A 309 0.31 13.93 -4.91
N ARG A 310 -0.24 14.00 -3.70
CA ARG A 310 -1.40 14.85 -3.40
C ARG A 310 -0.96 16.30 -3.14
N ALA A 311 -0.30 16.87 -4.15
CA ALA A 311 0.29 18.20 -4.04
C ALA A 311 -0.74 19.30 -3.73
N ASP A 312 -2.03 18.98 -3.73
CA ASP A 312 -3.03 19.96 -3.34
C ASP A 312 -3.03 20.18 -1.83
N VAL A 313 -2.71 19.14 -1.05
CA VAL A 313 -2.77 19.25 0.40
C VAL A 313 -1.59 20.09 0.89
N GLN A 314 -1.89 21.05 1.79
CA GLN A 314 -0.83 21.87 2.37
C GLN A 314 0.12 21.03 3.22
N THR A 315 -0.38 19.93 3.80
CA THR A 315 0.49 19.00 4.51
C THR A 315 1.57 18.45 3.58
N TYR A 316 1.20 18.07 2.35
CA TYR A 316 2.15 17.45 1.44
C TYR A 316 3.11 18.47 0.81
N GLN A 317 2.65 19.70 0.59
CA GLN A 317 3.55 20.74 0.11
C GLN A 317 4.67 20.98 1.11
N ARG A 318 4.38 20.90 2.41
CA ARG A 318 5.41 21.14 3.42
C ARG A 318 6.42 20.01 3.47
N ILE A 319 5.96 18.76 3.40
CA ILE A 319 6.87 17.62 3.39
C ILE A 319 7.78 17.69 2.17
N ARG A 320 7.23 18.12 1.03
CA ARG A 320 8.02 18.19 -0.18
C ARG A 320 9.09 19.28 -0.08
N GLN A 321 8.72 20.46 0.43
CA GLN A 321 9.70 21.54 0.60
C GLN A 321 10.80 21.12 1.57
N THR A 322 10.43 20.45 2.66
CA THR A 322 11.43 19.94 3.60
C THR A 322 12.40 19.00 2.92
N LEU A 323 11.87 18.00 2.19
CA LEU A 323 12.72 17.03 1.51
C LEU A 323 13.63 17.71 0.48
N GLU A 324 13.07 18.64 -0.30
CA GLU A 324 13.84 19.33 -1.32
C GLU A 324 15.01 20.10 -0.69
N GLY A 325 14.76 20.76 0.44
CA GLY A 325 15.85 21.44 1.13
C GLY A 325 16.91 20.50 1.66
N GLU A 326 16.50 19.31 2.12
CA GLU A 326 17.47 18.34 2.62
C GLU A 326 18.36 17.81 1.50
N ALA A 327 17.79 17.55 0.32
CA ALA A 327 18.62 17.19 -0.82
C ALA A 327 19.62 18.30 -1.14
N GLY A 328 19.15 19.55 -1.17
CA GLY A 328 20.05 20.65 -1.46
C GLY A 328 21.17 20.78 -0.43
N ARG A 329 20.82 20.63 0.86
CA ARG A 329 21.81 20.76 1.93
C ARG A 329 22.86 19.66 1.84
N ILE A 330 22.42 18.41 1.71
CA ILE A 330 23.36 17.29 1.70
C ILE A 330 24.22 17.32 0.45
N ASN A 331 23.63 17.65 -0.70
CA ASN A 331 24.45 17.79 -1.90
C ASN A 331 25.45 18.92 -1.77
N GLY A 332 25.02 20.07 -1.24
CA GLY A 332 25.97 21.17 -1.05
C GLY A 332 27.13 20.77 -0.17
N ARG A 333 26.87 19.92 0.82
CA ARG A 333 27.89 19.55 1.79
C ARG A 333 28.92 18.59 1.20
N PHE A 334 28.48 17.61 0.39
CA PHE A 334 29.36 16.52 -0.05
C PHE A 334 29.66 16.51 -1.55
N ALA A 335 28.94 17.28 -2.37
CA ALA A 335 29.10 17.17 -3.82
C ALA A 335 30.51 17.51 -4.26
N GLN A 336 30.92 16.89 -5.36
CA GLN A 336 32.13 17.22 -6.08
C GLN A 336 31.73 17.67 -7.49
N LEU A 337 32.70 18.19 -8.25
CA LEU A 337 32.37 18.77 -9.54
C LEU A 337 31.85 17.74 -10.53
N ASP A 338 32.08 16.44 -10.27
CA ASP A 338 31.56 15.38 -11.12
C ASP A 338 30.72 14.38 -10.33
N TRP A 339 30.18 14.78 -9.18
CA TRP A 339 29.41 13.83 -8.37
C TRP A 339 28.32 14.56 -7.60
N THR A 340 27.06 14.21 -7.89
CA THR A 340 25.93 14.66 -7.09
C THR A 340 25.47 13.54 -6.17
N PRO A 341 25.66 13.65 -4.85
CA PRO A 341 25.35 12.52 -3.96
C PRO A 341 23.91 12.02 -4.03
N ILE A 342 22.93 12.92 -4.01
CA ILE A 342 21.51 12.57 -4.04
C ILE A 342 20.92 13.09 -5.34
N GLN A 343 20.44 12.20 -6.18
CA GLN A 343 19.74 12.57 -7.40
C GLN A 343 18.26 12.41 -7.12
N TYR A 344 17.58 13.52 -6.95
CA TYR A 344 16.17 13.55 -6.60
C TYR A 344 15.36 13.86 -7.85
N LEU A 345 14.38 13.01 -8.16
CA LEU A 345 13.56 13.18 -9.37
C LEU A 345 12.09 13.11 -8.98
N ASN A 346 11.36 14.16 -9.32
CA ASN A 346 9.94 14.27 -8.99
C ASN A 346 9.13 13.94 -10.25
N ARG A 347 9.09 12.65 -10.55
CA ARG A 347 8.41 12.20 -11.77
C ARG A 347 8.07 10.72 -11.65
N LYS A 348 7.21 10.27 -12.55
CA LYS A 348 6.71 8.90 -12.57
C LYS A 348 7.34 8.14 -13.74
N TYR A 349 7.68 6.89 -13.49
CA TYR A 349 8.16 5.99 -14.53
C TYR A 349 7.16 4.87 -14.75
N GLU A 350 6.99 4.47 -16.01
CA GLU A 350 6.16 3.31 -16.33
C GLU A 350 6.66 2.09 -15.55
N ARG A 351 5.71 1.23 -15.15
CA ARG A 351 6.00 0.21 -14.14
C ARG A 351 7.07 -0.77 -14.61
N ASN A 352 6.96 -1.27 -15.84
CA ASN A 352 7.96 -2.23 -16.33
C ASN A 352 9.34 -1.61 -16.43
N LEU A 353 9.40 -0.34 -16.86
CA LEU A 353 10.68 0.38 -16.87
C LEU A 353 11.26 0.51 -15.47
N LEU A 354 10.41 0.81 -14.48
CA LEU A 354 10.87 0.93 -13.11
C LEU A 354 11.50 -0.38 -12.64
N MET A 355 10.91 -1.52 -13.00
CA MET A 355 11.50 -2.80 -12.59
C MET A 355 12.91 -2.94 -13.15
N ALA A 356 13.09 -2.53 -14.41
CA ALA A 356 14.41 -2.53 -15.02
C ALA A 356 15.38 -1.60 -14.29
N LEU A 357 14.88 -0.47 -13.77
CA LEU A 357 15.74 0.42 -12.99
C LEU A 357 16.12 -0.23 -11.66
N PHE A 358 15.18 -0.91 -10.99
CA PHE A 358 15.51 -1.69 -9.80
C PHE A 358 16.63 -2.69 -10.08
N ARG A 359 16.52 -3.38 -11.22
CA ARG A 359 17.52 -4.39 -11.59
C ARG A 359 18.91 -3.80 -11.74
N GLN A 360 19.02 -2.51 -12.08
CA GLN A 360 20.31 -1.85 -12.19
C GLN A 360 20.87 -1.39 -10.84
N SER A 361 20.11 -1.52 -9.76
CA SER A 361 20.46 -0.90 -8.48
C SER A 361 21.03 -1.92 -7.51
N GLN A 362 22.21 -1.62 -6.96
CA GLN A 362 22.86 -2.53 -6.01
C GLN A 362 22.20 -2.55 -4.64
N VAL A 363 21.48 -1.49 -4.26
CA VAL A 363 20.80 -1.45 -2.97
C VAL A 363 19.38 -0.93 -3.21
N GLY A 364 18.39 -1.61 -2.63
CA GLY A 364 17.03 -1.13 -2.62
C GLY A 364 16.72 -0.62 -1.23
N TYR A 365 16.38 0.67 -1.14
CA TYR A 365 16.34 1.41 0.12
C TYR A 365 14.87 1.72 0.42
N VAL A 366 14.23 0.86 1.23
CA VAL A 366 12.79 0.90 1.42
C VAL A 366 12.48 0.94 2.91
N THR A 367 12.52 2.13 3.52
CA THR A 367 12.44 2.25 4.97
C THR A 367 11.35 3.24 5.40
N PRO A 368 10.10 3.01 5.00
CA PRO A 368 9.03 3.89 5.46
C PRO A 368 8.85 3.83 6.97
N LEU A 369 8.36 4.94 7.53
CA LEU A 369 8.05 4.98 8.95
C LEU A 369 6.82 4.14 9.28
N ARG A 370 5.87 4.06 8.37
CA ARG A 370 4.65 3.27 8.56
C ARG A 370 4.12 2.96 7.17
N ASP A 371 3.91 1.67 6.86
CA ASP A 371 3.37 1.26 5.57
C ASP A 371 2.56 -0.01 5.76
N GLY A 372 1.34 -0.03 5.22
CA GLY A 372 0.48 -1.21 5.39
C GLY A 372 1.12 -2.47 4.83
N MET A 373 1.80 -2.33 3.70
CA MET A 373 2.48 -3.43 3.02
C MET A 373 3.22 -2.85 1.84
N ASN A 374 4.49 -2.55 2.04
CA ASN A 374 5.22 -1.86 0.99
C ASN A 374 5.53 -2.85 -0.15
N LEU A 375 4.93 -2.63 -1.32
CA LEU A 375 5.15 -3.53 -2.46
C LEU A 375 6.44 -3.21 -3.20
N VAL A 376 6.97 -1.99 -3.06
CA VAL A 376 8.25 -1.64 -3.68
C VAL A 376 9.35 -2.57 -3.20
N ALA A 377 9.31 -2.97 -1.92
CA ALA A 377 10.33 -3.88 -1.40
C ALA A 377 10.28 -5.23 -2.11
N LYS A 378 9.08 -5.77 -2.31
CA LYS A 378 8.95 -7.06 -3.00
C LYS A 378 9.35 -6.92 -4.47
N GLU A 379 8.91 -5.84 -5.12
CA GLU A 379 9.24 -5.62 -6.53
C GLU A 379 10.74 -5.44 -6.73
N TYR A 380 11.39 -4.68 -5.85
CA TYR A 380 12.83 -4.49 -5.95
C TYR A 380 13.56 -5.82 -5.94
N VAL A 381 13.20 -6.70 -5.01
CA VAL A 381 13.88 -7.99 -4.90
C VAL A 381 13.60 -8.85 -6.13
N ALA A 382 12.33 -8.95 -6.53
CA ALA A 382 11.99 -9.80 -7.66
C ALA A 382 12.56 -9.27 -8.97
N SER A 383 12.89 -7.98 -9.05
CA SER A 383 13.52 -7.43 -10.25
C SER A 383 14.98 -7.88 -10.41
N GLN A 384 15.63 -8.35 -9.35
CA GLN A 384 17.07 -8.53 -9.40
C GLN A 384 17.48 -9.67 -10.33
N ASP A 385 18.63 -9.49 -10.96
CA ASP A 385 19.33 -10.57 -11.67
C ASP A 385 19.90 -11.53 -10.63
N PRO A 386 19.41 -12.78 -10.56
CA PRO A 386 19.94 -13.71 -9.55
C PRO A 386 21.42 -14.03 -9.73
N ALA A 387 22.00 -13.77 -10.90
CA ALA A 387 23.44 -13.93 -11.06
C ALA A 387 24.22 -12.82 -10.35
N ASP A 388 23.58 -11.72 -10.02
CA ASP A 388 24.28 -10.61 -9.39
C ASP A 388 23.27 -9.72 -8.67
N PRO A 389 22.57 -10.23 -7.66
CA PRO A 389 21.44 -9.48 -7.10
C PRO A 389 21.86 -8.40 -6.11
N GLY A 390 21.08 -7.32 -6.09
CA GLY A 390 21.23 -6.28 -5.10
C GLY A 390 20.67 -6.69 -3.75
N VAL A 391 20.75 -5.75 -2.80
CA VAL A 391 20.45 -6.01 -1.40
C VAL A 391 19.31 -5.09 -0.96
N LEU A 392 18.33 -5.66 -0.26
CA LEU A 392 17.19 -4.89 0.25
C LEU A 392 17.45 -4.44 1.69
N VAL A 393 17.29 -3.14 1.94
CA VAL A 393 17.28 -2.55 3.28
C VAL A 393 15.84 -2.13 3.56
N LEU A 394 15.26 -2.65 4.63
CA LEU A 394 13.82 -2.62 4.84
C LEU A 394 13.46 -2.18 6.25
N SER A 395 12.47 -1.29 6.34
CA SER A 395 11.95 -0.84 7.62
C SER A 395 11.19 -1.93 8.34
N GLN A 396 11.34 -1.99 9.66
CA GLN A 396 10.50 -2.94 10.39
C GLN A 396 9.04 -2.49 10.47
N PHE A 397 8.70 -1.30 9.97
CA PHE A 397 7.32 -0.82 10.01
C PHE A 397 6.65 -0.86 8.65
N ALA A 398 7.24 -1.54 7.67
CA ALA A 398 6.71 -1.57 6.30
C ALA A 398 5.71 -2.70 6.07
N GLY A 399 5.43 -3.52 7.06
CA GLY A 399 4.46 -4.59 6.90
C GLY A 399 5.06 -5.80 6.20
N ALA A 400 6.06 -5.60 5.35
CA ALA A 400 6.60 -6.65 4.49
C ALA A 400 7.76 -7.44 5.11
N ALA A 401 8.26 -7.06 6.30
CA ALA A 401 9.53 -7.64 6.79
C ALA A 401 9.41 -9.13 7.08
N GLU A 402 8.32 -9.57 7.73
CA GLU A 402 8.16 -10.98 8.02
C GLU A 402 8.11 -11.83 6.73
N GLN A 403 7.69 -11.23 5.63
CA GLN A 403 7.56 -11.96 4.38
C GLN A 403 8.82 -11.92 3.53
N LEU A 404 9.88 -11.26 4.00
CA LEU A 404 11.12 -11.10 3.23
C LEU A 404 12.32 -11.48 4.09
N PRO A 405 12.41 -12.75 4.50
CA PRO A 405 13.59 -13.20 5.26
C PRO A 405 14.82 -13.13 4.37
N GLY A 406 15.84 -12.42 4.85
CA GLY A 406 17.00 -12.08 4.03
C GLY A 406 17.16 -10.60 3.79
N ALA A 407 16.10 -9.82 4.00
CA ALA A 407 16.25 -8.37 3.97
C ALA A 407 17.08 -7.93 5.18
N LEU A 408 17.85 -6.84 5.01
CA LEU A 408 18.45 -6.16 6.16
C LEU A 408 17.37 -5.28 6.79
N VAL A 409 16.85 -5.70 7.93
CA VAL A 409 15.71 -5.02 8.54
C VAL A 409 16.23 -4.01 9.54
N VAL A 410 15.68 -2.79 9.49
CA VAL A 410 16.15 -1.70 10.34
C VAL A 410 14.97 -0.93 10.93
N ASN A 411 15.28 -0.25 12.04
CA ASN A 411 14.35 0.69 12.66
C ASN A 411 14.64 2.06 12.03
N PRO A 412 13.72 2.63 11.25
CA PRO A 412 14.04 3.89 10.56
C PRO A 412 14.20 5.07 11.52
N PHE A 413 13.78 4.93 12.78
CA PHE A 413 14.04 5.97 13.77
C PHE A 413 15.48 5.93 14.29
N ASP A 414 16.30 5.01 13.79
CA ASP A 414 17.70 4.85 14.20
C ASP A 414 18.55 5.17 12.97
N LEU A 415 18.94 6.45 12.83
CA LEU A 415 19.70 6.84 11.65
C LEU A 415 21.03 6.07 11.56
N SER A 416 21.67 5.83 12.70
CA SER A 416 22.95 5.12 12.67
C SER A 416 22.78 3.68 12.21
N GLN A 417 21.75 2.98 12.69
CA GLN A 417 21.50 1.63 12.22
C GLN A 417 21.24 1.61 10.72
N MET A 418 20.44 2.55 10.21
CA MET A 418 20.18 2.60 8.77
C MET A 418 21.46 2.86 7.98
N ALA A 419 22.29 3.80 8.44
CA ALA A 419 23.55 4.07 7.76
C ALA A 419 24.42 2.83 7.72
N GLU A 420 24.45 2.08 8.83
CA GLU A 420 25.30 0.90 8.88
C GLU A 420 24.74 -0.20 8.00
N ALA A 421 23.41 -0.28 7.84
CA ALA A 421 22.84 -1.26 6.93
C ALA A 421 23.12 -0.91 5.46
N LEU A 422 23.09 0.37 5.11
CA LEU A 422 23.53 0.78 3.77
C LEU A 422 24.97 0.34 3.52
N GLU A 423 25.85 0.58 4.51
CA GLU A 423 27.25 0.17 4.34
C GLU A 423 27.37 -1.35 4.20
N ARG A 424 26.62 -2.10 5.02
CA ARG A 424 26.65 -3.55 4.90
C ARG A 424 26.14 -4.00 3.54
N ALA A 425 25.05 -3.40 3.06
CA ALA A 425 24.50 -3.74 1.75
C ALA A 425 25.50 -3.46 0.64
N LEU A 426 26.17 -2.30 0.71
CA LEU A 426 27.04 -1.90 -0.37
C LEU A 426 28.24 -2.82 -0.51
N SER A 427 28.71 -3.41 0.59
CA SER A 427 29.93 -4.22 0.61
CA SER A 427 29.93 -4.22 0.58
C SER A 427 29.65 -5.71 0.65
N MET A 428 28.41 -6.12 0.51
CA MET A 428 28.07 -7.54 0.72
C MET A 428 28.61 -8.40 -0.43
N PRO A 429 29.26 -9.52 -0.13
CA PRO A 429 29.77 -10.39 -1.21
C PRO A 429 28.65 -11.10 -1.96
N LEU A 430 28.98 -11.48 -3.19
CA LEU A 430 28.03 -12.12 -4.11
C LEU A 430 27.33 -13.33 -3.47
N ALA A 431 28.09 -14.23 -2.85
CA ALA A 431 27.47 -15.46 -2.36
C ALA A 431 26.39 -15.17 -1.34
N GLU A 432 26.66 -14.25 -0.40
CA GLU A 432 25.64 -13.87 0.56
C GLU A 432 24.50 -13.11 -0.10
N ARG A 433 24.80 -12.22 -1.06
CA ARG A 433 23.72 -11.51 -1.76
C ARG A 433 22.79 -12.51 -2.46
N GLN A 434 23.35 -13.55 -3.07
CA GLN A 434 22.53 -14.54 -3.75
C GLN A 434 21.69 -15.35 -2.77
N ALA A 435 22.27 -15.74 -1.63
CA ALA A 435 21.51 -16.51 -0.65
C ALA A 435 20.34 -15.69 -0.10
N ARG A 436 20.57 -14.41 0.17
CA ARG A 436 19.48 -13.55 0.66
C ARG A 436 18.38 -13.40 -0.38
N HIS A 437 18.77 -13.17 -1.64
CA HIS A 437 17.77 -13.04 -2.70
C HIS A 437 16.95 -14.32 -2.84
N ALA A 438 17.61 -15.48 -2.81
CA ALA A 438 16.89 -16.75 -2.86
C ALA A 438 15.92 -16.91 -1.69
N ASP A 439 16.36 -16.52 -0.49
CA ASP A 439 15.54 -16.67 0.71
C ASP A 439 14.29 -15.81 0.64
N MET A 440 14.34 -14.66 -0.05
CA MET A 440 13.19 -13.80 -0.20
C MET A 440 12.29 -14.22 -1.36
N MET A 441 12.88 -14.70 -2.47
CA MET A 441 12.09 -15.12 -3.62
C MET A 441 11.19 -16.32 -3.29
N ALA A 442 11.66 -17.25 -2.47
CA ALA A 442 10.89 -18.46 -2.23
C ALA A 442 9.54 -18.17 -1.56
N PRO A 443 9.45 -17.42 -0.45
CA PRO A 443 8.12 -17.13 0.10
C PRO A 443 7.31 -16.19 -0.77
N MET A 444 7.94 -15.31 -1.55
CA MET A 444 7.17 -14.47 -2.47
C MET A 444 6.51 -15.31 -3.55
N ARG A 445 7.17 -16.38 -4.00
CA ARG A 445 6.54 -17.29 -4.96
C ARG A 445 5.42 -18.09 -4.29
N GLU A 446 5.63 -18.49 -3.04
CA GLU A 446 4.65 -19.31 -2.36
C GLU A 446 3.42 -18.50 -1.96
N ASN A 447 3.63 -17.26 -1.52
CA ASN A 447 2.50 -16.41 -1.18
C ASN A 447 2.34 -15.30 -2.21
N ASN A 448 2.17 -15.69 -3.47
CA ASN A 448 2.09 -14.72 -4.55
C ASN A 448 0.68 -14.10 -4.59
N LEU A 449 0.51 -13.15 -5.50
CA LEU A 449 -0.73 -12.38 -5.55
C LEU A 449 -1.96 -13.27 -5.79
N SER A 450 -1.81 -14.36 -6.55
CA SER A 450 -2.96 -15.26 -6.75
C SER A 450 -3.38 -15.91 -5.45
N VAL A 451 -2.41 -16.29 -4.61
CA VAL A 451 -2.72 -16.89 -3.32
C VAL A 451 -3.51 -15.91 -2.46
N TRP A 452 -3.08 -14.65 -2.45
CA TRP A 452 -3.79 -13.60 -1.73
C TRP A 452 -5.24 -13.53 -2.15
N ARG A 453 -5.47 -13.40 -3.46
CA ARG A 453 -6.83 -13.29 -3.99
CA ARG A 453 -6.83 -13.28 -3.97
C ARG A 453 -7.63 -14.55 -3.71
N ASP A 454 -7.04 -15.73 -3.96
CA ASP A 454 -7.80 -16.97 -3.81
C ASP A 454 -8.11 -17.28 -2.35
N THR A 455 -7.18 -16.95 -1.45
CA THR A 455 -7.45 -17.24 -0.04
C THR A 455 -8.54 -16.33 0.50
N PHE A 456 -8.51 -15.06 0.12
CA PHE A 456 -9.58 -14.17 0.57
C PHE A 456 -10.92 -14.61 -0.01
N LEU A 457 -10.95 -14.92 -1.31
CA LEU A 457 -12.21 -15.25 -1.96
C LEU A 457 -12.78 -16.57 -1.45
N ALA A 458 -11.93 -17.54 -1.08
CA ALA A 458 -12.44 -18.79 -0.51
C ALA A 458 -13.16 -18.53 0.81
N ASP A 459 -12.61 -17.65 1.65
CA ASP A 459 -13.31 -17.29 2.89
C ASP A 459 -14.63 -16.58 2.58
N LEU A 460 -14.64 -15.70 1.58
CA LEU A 460 -15.87 -15.00 1.24
C LEU A 460 -16.93 -15.96 0.70
N ARG A 461 -16.51 -16.97 -0.08
CA ARG A 461 -17.46 -17.96 -0.58
C ARG A 461 -17.87 -18.98 0.48
N ASN A 462 -17.22 -18.98 1.65
CA ASN A 462 -17.58 -19.89 2.74
C ASN A 462 -18.59 -19.28 3.70
N VAL A 463 -19.04 -18.04 3.46
CA VAL A 463 -19.94 -17.37 4.38
C VAL A 463 -21.34 -17.95 4.29
N ALA A 464 -21.89 -18.07 3.08
CA ALA A 464 -23.30 -18.40 2.93
C ALA A 464 -23.59 -19.90 2.98
N THR A 465 -22.55 -20.74 2.99
CA THR A 465 -22.67 -22.19 3.02
C THR A 465 -23.49 -22.70 4.21
N ALA A 466 -24.71 -23.16 3.96
CA ALA A 466 -25.63 -23.53 5.05
C ALA A 466 -25.29 -24.90 5.61
#